data_2CIT
#
_entry.id   2CIT
#
_cell.length_a   49.047
_cell.length_b   62.830
_cell.length_c   78.057
_cell.angle_alpha   90.00
_cell.angle_beta   90.00
_cell.angle_gamma   90.00
#
_symmetry.space_group_name_H-M   'P 21 21 21'
#
loop_
_entity.id
_entity.type
_entity.pdbx_description
1 polymer 'ENDOGLUCANASE H'
2 branched beta-D-glucopyranose-(1-4)-beta-D-glucopyranose-(1-3)-2-deoxy-2-fluoro-alpha-D-glucopyranose
3 water water
#
_entity_poly.entity_id   1
_entity_poly.type   'polypeptide(L)'
_entity_poly.pdbx_seq_one_letter_code
;MASNYNSGLKIGAWVGTQPSESAIKSFQELQGRKLDIVHQFINWSTDFSWVRPYADAVYNNGSILMITWEPWEYNTVDIK
NGKADAYITRMAQDMKAYGKEIWLRPLHAANGDWYPWAIGYSSRVNTNETYIAAFRHIVDIFRANGATNVKWVFNVNCDN
VGNGTSYLGHYPGDNYVDYTSIDGYNWGTTQSWGSQWQSFDQVFSRAYQALASINKPIIIAEFASAEIGGNKARWITEAY
NSIRTSYNKVIAAVWFHENKETDWRINSSPEALAAYREAIGA
;
_entity_poly.pdbx_strand_id   A
#
# COMPACT_ATOMS: atom_id res chain seq x y z
N LEU A 9 -13.98 0.59 8.61
CA LEU A 9 -12.61 0.02 8.36
C LEU A 9 -12.66 -1.22 7.43
N LYS A 10 -12.23 -1.01 6.19
CA LYS A 10 -12.13 -2.10 5.20
C LYS A 10 -10.90 -2.93 5.49
N ILE A 11 -11.06 -4.24 5.32
CA ILE A 11 -9.99 -5.19 5.59
C ILE A 11 -9.44 -5.69 4.27
N GLY A 12 -8.14 -5.58 4.11
CA GLY A 12 -7.53 -5.98 2.87
C GLY A 12 -6.26 -6.79 3.12
N ALA A 13 -5.69 -7.35 2.03
CA ALA A 13 -4.39 -8.02 2.15
C ALA A 13 -3.75 -8.12 0.77
N TRP A 14 -2.41 -8.11 0.75
CA TRP A 14 -1.63 -8.87 -0.24
C TRP A 14 -1.54 -10.28 0.32
N VAL A 15 -2.02 -11.27 -0.45
CA VAL A 15 -2.20 -12.61 0.12
C VAL A 15 -0.96 -13.48 -0.05
N GLY A 16 0.19 -12.91 -0.42
CA GLY A 16 1.47 -13.61 -0.51
C GLY A 16 1.84 -14.08 -1.90
N THR A 17 0.92 -13.88 -2.84
CA THR A 17 1.12 -14.28 -4.21
C THR A 17 0.10 -13.46 -5.00
N GLN A 18 0.22 -13.48 -6.32
CA GLN A 18 -0.78 -12.81 -7.14
C GLN A 18 -2.17 -13.35 -6.85
N PRO A 19 -3.19 -12.50 -6.75
CA PRO A 19 -4.50 -12.92 -6.22
C PRO A 19 -5.34 -13.66 -7.28
N SER A 20 -4.97 -14.91 -7.58
CA SER A 20 -5.87 -15.78 -8.30
C SER A 20 -7.16 -16.01 -7.51
N GLU A 21 -8.20 -16.53 -8.17
CA GLU A 21 -9.42 -16.84 -7.46
C GLU A 21 -9.14 -17.69 -6.21
N SER A 22 -8.30 -18.72 -6.37
CA SER A 22 -8.04 -19.62 -5.25
C SER A 22 -7.25 -18.94 -4.14
N ALA A 23 -6.30 -18.07 -4.48
CA ALA A 23 -5.56 -17.36 -3.45
C ALA A 23 -6.47 -16.41 -2.67
N ILE A 24 -7.38 -15.71 -3.34
CA ILE A 24 -8.33 -14.85 -2.63
C ILE A 24 -9.18 -15.69 -1.67
N LYS A 25 -9.75 -16.75 -2.22
CA LYS A 25 -10.66 -17.57 -1.45
C LYS A 25 -10.00 -18.24 -0.28
N SER A 26 -8.76 -18.68 -0.46
CA SER A 26 -7.99 -19.30 0.61
CA SER A 26 -8.01 -19.31 0.51
C SER A 26 -7.71 -18.33 1.73
N PHE A 27 -7.35 -17.09 1.38
CA PHE A 27 -7.05 -16.11 2.44
C PHE A 27 -8.33 -15.74 3.18
N GLN A 28 -9.43 -15.58 2.43
CA GLN A 28 -10.73 -15.33 3.10
C GLN A 28 -11.12 -16.40 4.06
N GLU A 29 -10.97 -17.65 3.63
CA GLU A 29 -11.22 -18.76 4.51
C GLU A 29 -10.30 -18.68 5.71
N LEU A 30 -8.99 -18.50 5.51
CA LEU A 30 -8.02 -18.38 6.56
C LEU A 30 -8.38 -17.32 7.61
N GLN A 31 -8.72 -16.09 7.18
CA GLN A 31 -8.97 -15.03 8.14
C GLN A 31 -10.40 -15.09 8.68
N GLY A 32 -11.27 -15.94 8.11
CA GLY A 32 -12.63 -16.10 8.63
C GLY A 32 -13.52 -14.92 8.29
N ARG A 33 -13.22 -14.20 7.21
CA ARG A 33 -13.98 -13.00 6.87
C ARG A 33 -13.74 -12.64 5.41
N LYS A 34 -14.76 -12.01 4.83
CA LYS A 34 -14.66 -11.28 3.56
C LYS A 34 -13.41 -10.43 3.50
N LEU A 35 -12.70 -10.51 2.38
CA LEU A 35 -11.65 -9.54 2.08
C LEU A 35 -12.28 -8.41 1.32
N ASP A 36 -12.25 -7.23 1.88
CA ASP A 36 -12.86 -6.09 1.19
C ASP A 36 -11.98 -5.54 0.10
N ILE A 37 -10.67 -5.62 0.32
CA ILE A 37 -9.70 -5.09 -0.64
C ILE A 37 -8.66 -6.19 -0.90
N VAL A 38 -8.34 -6.42 -2.18
CA VAL A 38 -7.28 -7.37 -2.55
C VAL A 38 -6.17 -6.55 -3.15
N HIS A 39 -4.96 -6.75 -2.65
CA HIS A 39 -3.81 -5.96 -3.08
C HIS A 39 -2.95 -6.76 -4.03
N GLN A 40 -2.52 -6.16 -5.14
CA GLN A 40 -1.60 -6.77 -6.12
C GLN A 40 -0.47 -5.79 -6.39
N PHE A 41 0.71 -6.32 -6.70
CA PHE A 41 1.85 -5.50 -7.14
C PHE A 41 2.11 -5.88 -8.62
N ILE A 42 2.28 -4.86 -9.45
CA ILE A 42 2.73 -5.10 -10.84
C ILE A 42 3.75 -4.07 -11.19
N ASN A 43 4.56 -4.40 -12.18
CA ASN A 43 5.62 -3.50 -12.66
C ASN A 43 5.17 -2.75 -13.90
N TRP A 44 6.08 -1.97 -14.49
CA TRP A 44 5.77 -1.12 -15.63
C TRP A 44 6.17 -1.78 -16.95
N SER A 45 6.27 -3.11 -16.94
CA SER A 45 6.34 -3.89 -18.19
C SER A 45 5.26 -4.96 -18.16
N THR A 46 4.20 -4.72 -17.42
CA THR A 46 3.03 -5.60 -17.35
C THR A 46 1.83 -4.86 -17.89
N ASP A 47 1.20 -5.46 -18.91
CA ASP A 47 -0.01 -4.80 -19.45
C ASP A 47 -1.27 -5.28 -18.73
N PHE A 48 -2.35 -4.57 -18.97
CA PHE A 48 -3.57 -4.95 -18.30
C PHE A 48 -4.06 -6.34 -18.69
N SER A 49 -3.75 -6.83 -19.88
CA SER A 49 -4.19 -8.17 -20.22
C SER A 49 -3.62 -9.21 -19.25
N TRP A 50 -2.45 -8.96 -18.65
CA TRP A 50 -1.93 -9.90 -17.65
C TRP A 50 -2.66 -9.71 -16.31
N VAL A 51 -3.06 -8.47 -16.00
CA VAL A 51 -3.81 -8.16 -14.79
C VAL A 51 -5.21 -8.75 -14.86
N ARG A 52 -5.83 -8.76 -16.04
CA ARG A 52 -7.26 -9.06 -16.16
C ARG A 52 -7.81 -10.29 -15.42
N PRO A 53 -7.14 -11.45 -15.54
CA PRO A 53 -7.71 -12.60 -14.82
C PRO A 53 -7.71 -12.37 -13.33
N TYR A 54 -6.70 -11.69 -12.79
CA TYR A 54 -6.71 -11.38 -11.36
C TYR A 54 -7.80 -10.38 -11.02
N ALA A 55 -7.93 -9.33 -11.82
CA ALA A 55 -9.00 -8.36 -11.56
C ALA A 55 -10.35 -9.05 -11.63
N ASP A 56 -10.57 -9.93 -12.61
CA ASP A 56 -11.89 -10.59 -12.72
C ASP A 56 -12.15 -11.40 -11.44
N ALA A 57 -11.15 -12.08 -10.94
CA ALA A 57 -11.34 -12.84 -9.69
C ALA A 57 -11.68 -11.94 -8.49
N VAL A 58 -10.99 -10.82 -8.40
CA VAL A 58 -11.26 -9.86 -7.33
C VAL A 58 -12.67 -9.31 -7.40
N TYR A 59 -13.07 -8.82 -8.58
CA TYR A 59 -14.41 -8.26 -8.72
C TYR A 59 -15.49 -9.31 -8.62
N ASN A 60 -15.25 -10.52 -9.10
CA ASN A 60 -16.27 -11.57 -8.94
C ASN A 60 -16.48 -11.90 -7.48
N ASN A 61 -15.43 -11.75 -6.68
CA ASN A 61 -15.55 -11.98 -5.23
C ASN A 61 -16.26 -10.85 -4.50
N GLY A 62 -16.50 -9.72 -5.17
CA GLY A 62 -17.05 -8.53 -4.55
C GLY A 62 -16.04 -7.72 -3.74
N SER A 63 -14.76 -7.75 -4.16
CA SER A 63 -13.74 -6.98 -3.53
C SER A 63 -13.29 -5.82 -4.44
N ILE A 64 -12.51 -4.90 -3.84
CA ILE A 64 -11.88 -3.81 -4.61
CA ILE A 64 -11.89 -3.80 -4.60
C ILE A 64 -10.44 -4.22 -4.85
N LEU A 65 -9.96 -4.02 -6.07
CA LEU A 65 -8.56 -4.27 -6.39
C LEU A 65 -7.74 -3.02 -6.14
N MET A 66 -6.69 -3.14 -5.30
CA MET A 66 -5.69 -2.08 -5.18
C MET A 66 -4.40 -2.61 -5.82
N ILE A 67 -3.84 -1.87 -6.77
CA ILE A 67 -2.63 -2.25 -7.45
C ILE A 67 -1.56 -1.27 -7.05
N THR A 68 -0.45 -1.78 -6.49
CA THR A 68 0.77 -1.01 -6.33
C THR A 68 1.59 -1.18 -7.61
N TRP A 69 1.80 -0.06 -8.30
CA TRP A 69 2.26 -0.07 -9.70
C TRP A 69 3.67 0.47 -9.71
N GLU A 70 4.61 -0.46 -9.82
CA GLU A 70 6.03 -0.23 -9.51
C GLU A 70 6.89 0.00 -10.76
N PRO A 71 7.34 1.23 -11.00
CA PRO A 71 8.08 1.45 -12.26
C PRO A 71 9.55 1.14 -12.10
N TRP A 72 9.90 -0.14 -11.90
CA TRP A 72 11.32 -0.51 -11.95
C TRP A 72 11.90 -0.12 -13.28
N GLU A 73 11.04 -0.05 -14.31
CA GLU A 73 11.48 0.16 -15.71
C GLU A 73 11.64 1.62 -16.12
N TYR A 74 11.21 2.57 -15.27
CA TYR A 74 11.28 3.97 -15.65
C TYR A 74 11.43 4.81 -14.39
N ASN A 75 12.43 5.68 -14.36
CA ASN A 75 12.56 6.56 -13.19
C ASN A 75 11.70 7.82 -13.32
N THR A 76 11.69 8.71 -12.34
CA THR A 76 10.74 9.85 -12.43
C THR A 76 11.10 10.86 -13.53
N VAL A 77 12.36 10.89 -13.92
CA VAL A 77 12.76 11.74 -15.04
C VAL A 77 12.21 11.16 -16.36
N ASP A 78 12.41 9.84 -16.54
CA ASP A 78 11.83 9.17 -17.66
C ASP A 78 10.31 9.43 -17.75
N ILE A 79 9.66 9.24 -16.63
CA ILE A 79 8.19 9.33 -16.64
C ILE A 79 7.73 10.78 -16.87
N LYS A 80 8.33 11.74 -16.14
CA LYS A 80 7.87 13.12 -16.28
C LYS A 80 8.10 13.60 -17.72
N ASN A 81 9.14 13.09 -18.37
CA ASN A 81 9.47 13.56 -19.73
C ASN A 81 8.69 12.82 -20.80
N GLY A 82 7.84 11.86 -20.43
CA GLY A 82 6.96 11.21 -21.40
C GLY A 82 7.49 9.94 -22.02
N LYS A 83 8.61 9.44 -21.53
CA LYS A 83 9.26 8.28 -22.12
C LYS A 83 8.49 6.99 -21.91
N ALA A 84 7.59 6.96 -20.91
CA ALA A 84 6.73 5.79 -20.64
C ALA A 84 5.33 6.00 -21.20
N ASP A 85 5.09 7.05 -21.99
CA ASP A 85 3.71 7.40 -22.23
C ASP A 85 2.94 6.39 -23.05
N ALA A 86 3.61 5.65 -23.95
CA ALA A 86 2.85 4.62 -24.69
C ALA A 86 2.30 3.56 -23.75
N TYR A 87 3.14 3.12 -22.83
CA TYR A 87 2.73 2.14 -21.84
C TYR A 87 1.66 2.70 -20.89
N ILE A 88 1.83 3.94 -20.40
CA ILE A 88 0.80 4.50 -19.55
C ILE A 88 -0.55 4.61 -20.28
N THR A 89 -0.50 5.10 -21.52
CA THR A 89 -1.71 5.34 -22.29
C THR A 89 -2.45 4.02 -22.51
N ARG A 90 -1.72 2.95 -22.83
CA ARG A 90 -2.40 1.66 -23.05
C ARG A 90 -3.05 1.18 -21.74
N MET A 91 -2.36 1.35 -20.63
CA MET A 91 -2.95 0.96 -19.34
C MET A 91 -4.22 1.77 -19.06
N ALA A 92 -4.18 3.08 -19.32
CA ALA A 92 -5.33 3.93 -19.02
C ALA A 92 -6.49 3.51 -19.92
N GLN A 93 -6.23 3.27 -21.21
CA GLN A 93 -7.32 2.86 -22.12
C GLN A 93 -7.90 1.54 -21.67
N ASP A 94 -7.01 0.60 -21.31
CA ASP A 94 -7.50 -0.71 -20.91
C ASP A 94 -8.28 -0.66 -19.60
N MET A 95 -7.82 0.13 -18.64
CA MET A 95 -8.54 0.25 -17.38
C MET A 95 -9.87 0.95 -17.56
N LYS A 96 -9.92 1.99 -18.41
CA LYS A 96 -11.21 2.63 -18.70
C LYS A 96 -12.18 1.61 -19.31
N ALA A 97 -11.72 0.87 -20.30
CA ALA A 97 -12.57 -0.15 -20.95
C ALA A 97 -13.04 -1.17 -19.92
N TYR A 98 -12.14 -1.61 -19.03
CA TYR A 98 -12.53 -2.54 -18.01
C TYR A 98 -13.66 -1.96 -17.13
N GLY A 99 -13.56 -0.70 -16.75
CA GLY A 99 -14.70 0.05 -16.21
C GLY A 99 -14.85 0.03 -14.69
N LYS A 100 -14.29 -0.97 -14.02
CA LYS A 100 -14.55 -1.23 -12.59
C LYS A 100 -13.65 -0.31 -11.74
N GLU A 101 -14.07 -0.03 -10.52
CA GLU A 101 -13.31 0.87 -9.66
C GLU A 101 -12.08 0.21 -9.17
N ILE A 102 -10.93 0.73 -9.58
CA ILE A 102 -9.60 0.21 -9.23
C ILE A 102 -8.82 1.28 -8.46
N TRP A 103 -8.20 0.87 -7.35
CA TRP A 103 -7.36 1.81 -6.61
C TRP A 103 -5.91 1.61 -7.06
N LEU A 104 -5.27 2.67 -7.53
CA LEU A 104 -3.95 2.53 -8.19
C LEU A 104 -2.97 3.38 -7.36
N ARG A 105 -1.87 2.72 -6.97
CA ARG A 105 -0.89 3.29 -6.07
C ARG A 105 0.46 3.28 -6.79
N PRO A 106 0.71 4.27 -7.63
CA PRO A 106 1.98 4.31 -8.38
C PRO A 106 3.09 4.93 -7.62
N LEU A 107 4.31 4.46 -7.89
CA LEU A 107 5.47 5.20 -7.36
CA LEU A 107 5.52 5.11 -7.33
C LEU A 107 5.43 5.27 -5.82
N HIS A 108 5.22 4.16 -5.15
CA HIS A 108 5.05 4.16 -3.72
C HIS A 108 6.37 4.30 -2.94
N ALA A 109 6.26 4.58 -1.66
CA ALA A 109 7.43 4.63 -0.76
C ALA A 109 8.52 5.55 -1.28
N ALA A 110 8.12 6.69 -1.82
CA ALA A 110 9.07 7.60 -2.44
C ALA A 110 9.87 8.42 -1.39
N ASN A 111 9.42 8.39 -0.14
CA ASN A 111 10.21 8.95 0.99
C ASN A 111 11.13 7.93 1.62
N GLY A 112 11.32 6.77 0.97
CA GLY A 112 12.41 5.82 1.27
C GLY A 112 13.55 5.94 0.30
N ASP A 113 14.43 4.95 0.39
CA ASP A 113 15.65 4.98 -0.43
C ASP A 113 15.86 3.67 -1.18
N TRP A 114 14.83 2.82 -1.23
CA TRP A 114 15.04 1.46 -1.74
C TRP A 114 14.46 1.24 -3.13
N TYR A 115 13.58 2.10 -3.64
CA TYR A 115 13.06 1.92 -4.97
C TYR A 115 13.69 2.95 -5.90
N PRO A 116 13.90 2.56 -7.17
CA PRO A 116 14.67 3.43 -8.07
C PRO A 116 13.93 4.68 -8.50
N TRP A 117 12.68 4.84 -8.08
CA TRP A 117 11.92 6.07 -8.33
C TRP A 117 11.80 6.93 -7.08
N ALA A 118 12.40 6.47 -5.97
CA ALA A 118 12.22 7.17 -4.69
C ALA A 118 13.18 8.36 -4.57
N ILE A 119 12.75 9.38 -3.81
CA ILE A 119 13.57 10.58 -3.65
C ILE A 119 14.87 10.22 -2.93
N GLY A 120 14.80 9.28 -1.98
CA GLY A 120 16.01 8.89 -1.24
C GLY A 120 16.94 7.98 -2.02
N TYR A 121 16.50 7.49 -3.17
CA TYR A 121 17.35 6.54 -3.91
C TYR A 121 18.71 7.16 -4.26
N SER A 122 19.79 6.35 -4.14
CA SER A 122 21.14 6.91 -4.08
C SER A 122 21.67 7.41 -5.40
N SER A 123 20.98 7.15 -6.53
CA SER A 123 21.42 7.81 -7.80
C SER A 123 21.14 9.28 -7.79
N ARG A 124 20.22 9.74 -6.93
CA ARG A 124 19.88 11.14 -6.78
C ARG A 124 19.07 11.68 -7.96
N VAL A 125 18.62 10.81 -8.85
CA VAL A 125 17.88 11.27 -10.00
C VAL A 125 16.45 11.77 -9.67
N ASN A 126 15.86 11.29 -8.59
CA ASN A 126 14.48 11.66 -8.28
C ASN A 126 14.44 12.76 -7.25
N THR A 127 13.72 13.84 -7.60
CA THR A 127 13.55 14.99 -6.71
C THR A 127 12.06 15.20 -6.47
N ASN A 128 11.71 16.10 -5.57
CA ASN A 128 10.30 16.41 -5.40
C ASN A 128 9.67 16.83 -6.71
N GLU A 129 10.42 17.63 -7.48
CA GLU A 129 9.86 18.18 -8.71
C GLU A 129 9.65 17.10 -9.74
N THR A 130 10.63 16.20 -9.91
CA THR A 130 10.46 15.19 -10.93
C THR A 130 9.37 14.21 -10.51
N TYR A 131 9.29 13.92 -9.21
CA TYR A 131 8.27 13.03 -8.72
C TYR A 131 6.88 13.58 -8.97
N ILE A 132 6.66 14.80 -8.54
CA ILE A 132 5.33 15.40 -8.69
C ILE A 132 4.98 15.50 -10.16
N ALA A 133 5.95 15.89 -11.01
CA ALA A 133 5.63 16.03 -12.43
C ALA A 133 5.30 14.66 -13.01
N ALA A 134 6.00 13.61 -12.55
CA ALA A 134 5.74 12.25 -13.01
C ALA A 134 4.32 11.79 -12.59
N PHE A 135 3.97 11.98 -11.32
CA PHE A 135 2.70 11.51 -10.79
C PHE A 135 1.60 12.24 -11.52
N ARG A 136 1.71 13.56 -11.62
CA ARG A 136 0.65 14.32 -12.30
C ARG A 136 0.51 13.91 -13.75
N HIS A 137 1.64 13.60 -14.39
CA HIS A 137 1.61 13.18 -15.78
C HIS A 137 0.83 11.89 -15.99
N ILE A 138 1.04 10.94 -15.10
CA ILE A 138 0.31 9.69 -15.15
C ILE A 138 -1.19 9.97 -15.00
N VAL A 139 -1.55 10.74 -13.98
CA VAL A 139 -2.95 11.03 -13.75
C VAL A 139 -3.58 11.76 -14.94
N ASP A 140 -2.87 12.74 -15.51
CA ASP A 140 -3.37 13.45 -16.66
C ASP A 140 -3.66 12.52 -17.82
N ILE A 141 -2.80 11.53 -18.08
CA ILE A 141 -3.04 10.62 -19.18
C ILE A 141 -4.26 9.75 -18.88
N PHE A 142 -4.42 9.26 -17.66
CA PHE A 142 -5.59 8.46 -17.33
C PHE A 142 -6.84 9.32 -17.53
N ARG A 143 -6.85 10.56 -17.03
CA ARG A 143 -8.04 11.41 -17.18
C ARG A 143 -8.32 11.68 -18.67
N ALA A 144 -7.28 11.89 -19.46
CA ALA A 144 -7.49 12.15 -20.91
C ALA A 144 -8.14 10.96 -21.60
N ASN A 145 -7.93 9.78 -21.05
CA ASN A 145 -8.48 8.52 -21.64
C ASN A 145 -9.78 8.06 -20.93
N GLY A 146 -10.33 8.96 -20.10
CA GLY A 146 -11.66 8.70 -19.52
C GLY A 146 -11.67 7.74 -18.36
N ALA A 147 -10.51 7.44 -17.78
CA ALA A 147 -10.42 6.43 -16.72
C ALA A 147 -10.79 6.99 -15.35
N THR A 148 -12.02 7.50 -15.27
CA THR A 148 -12.55 8.08 -14.01
C THR A 148 -12.72 7.03 -12.91
N ASN A 149 -12.74 5.78 -13.34
CA ASN A 149 -12.85 4.65 -12.43
C ASN A 149 -11.60 4.35 -11.62
N VAL A 150 -10.46 4.92 -12.03
CA VAL A 150 -9.20 4.67 -11.34
C VAL A 150 -9.02 5.72 -10.25
N LYS A 151 -8.88 5.27 -9.01
CA LYS A 151 -8.73 6.14 -7.85
C LYS A 151 -7.24 6.19 -7.47
N TRP A 152 -6.74 7.38 -7.23
CA TRP A 152 -5.28 7.54 -7.06
C TRP A 152 -4.85 7.54 -5.62
N VAL A 153 -3.86 6.69 -5.31
CA VAL A 153 -3.40 6.57 -3.93
C VAL A 153 -1.98 7.09 -3.83
N PHE A 154 -1.82 8.14 -3.04
CA PHE A 154 -0.52 8.70 -2.68
C PHE A 154 0.02 7.89 -1.49
N ASN A 155 1.35 7.81 -1.34
CA ASN A 155 1.91 6.96 -0.27
C ASN A 155 3.11 7.54 0.38
N VAL A 156 3.25 7.26 1.68
CA VAL A 156 4.52 7.43 2.39
C VAL A 156 4.86 6.16 3.11
N ASN A 157 6.15 5.90 3.19
CA ASN A 157 6.67 4.98 4.18
C ASN A 157 6.54 5.64 5.57
N CYS A 158 6.39 4.85 6.62
CA CYS A 158 6.22 5.36 7.97
C CYS A 158 7.40 6.25 8.41
N ASP A 159 8.60 6.00 7.87
CA ASP A 159 9.78 6.80 8.20
C ASP A 159 10.34 7.38 6.92
N ASN A 160 10.91 8.57 7.02
CA ASN A 160 11.67 9.15 5.92
C ASN A 160 13.08 8.55 5.96
N VAL A 161 13.46 7.85 4.89
CA VAL A 161 14.75 7.12 4.86
C VAL A 161 15.52 7.56 3.64
N GLY A 162 16.66 8.18 3.89
CA GLY A 162 17.52 8.65 2.80
C GLY A 162 17.55 10.16 2.67
N ASN A 163 18.53 10.65 1.94
CA ASN A 163 18.72 12.09 1.82
C ASN A 163 17.55 12.74 1.11
N GLY A 164 17.03 13.87 1.62
CA GLY A 164 16.05 14.57 0.85
C GLY A 164 14.60 14.16 1.01
N THR A 165 14.35 13.16 1.87
CA THR A 165 13.01 12.57 1.95
C THR A 165 12.17 13.30 2.96
N SER A 166 10.86 13.28 2.71
CA SER A 166 9.91 13.98 3.57
C SER A 166 8.54 13.38 3.31
N TYR A 167 7.60 13.64 4.21
CA TYR A 167 6.27 13.04 4.01
C TYR A 167 5.51 13.71 2.92
N LEU A 168 5.71 15.01 2.72
CA LEU A 168 4.87 15.76 1.77
C LEU A 168 5.61 16.57 0.73
N GLY A 169 6.94 16.50 0.70
CA GLY A 169 7.64 17.24 -0.35
C GLY A 169 7.28 16.75 -1.73
N HIS A 170 6.92 15.46 -1.82
CA HIS A 170 6.59 14.85 -3.08
C HIS A 170 5.06 14.72 -3.29
N TYR A 171 4.27 15.37 -2.44
CA TYR A 171 2.82 15.27 -2.57
C TYR A 171 2.36 16.04 -3.80
N PRO A 172 1.61 15.37 -4.70
CA PRO A 172 1.24 16.04 -5.96
C PRO A 172 0.00 16.91 -5.96
N GLY A 173 -0.68 16.99 -4.82
CA GLY A 173 -1.81 17.92 -4.66
C GLY A 173 -3.12 17.18 -4.55
N ASP A 174 -4.07 17.77 -3.82
CA ASP A 174 -5.36 17.09 -3.65
C ASP A 174 -6.09 16.87 -4.97
N ASN A 175 -5.82 17.70 -5.99
CA ASN A 175 -6.42 17.54 -7.30
C ASN A 175 -5.96 16.29 -8.05
N TYR A 176 -4.95 15.59 -7.50
CA TYR A 176 -4.36 14.40 -8.15
C TYR A 176 -4.46 13.17 -7.29
N VAL A 177 -5.16 13.25 -6.16
CA VAL A 177 -5.13 12.21 -5.12
C VAL A 177 -6.55 11.93 -4.63
N ASP A 178 -6.93 10.65 -4.54
CA ASP A 178 -8.17 10.20 -3.90
C ASP A 178 -7.95 9.73 -2.48
N TYR A 179 -6.82 9.07 -2.20
CA TYR A 179 -6.50 8.55 -0.89
C TYR A 179 -5.02 8.81 -0.66
N THR A 180 -4.66 9.06 0.60
CA THR A 180 -3.26 8.96 0.98
C THR A 180 -3.07 7.62 1.67
N SER A 181 -1.83 7.25 1.97
CA SER A 181 -1.60 5.93 2.55
C SER A 181 -0.27 5.91 3.22
N ILE A 182 -0.13 5.01 4.19
CA ILE A 182 1.09 4.82 4.98
C ILE A 182 1.41 3.35 4.98
N ASP A 183 2.67 3.00 4.83
CA ASP A 183 3.14 1.64 5.00
C ASP A 183 4.09 1.59 6.17
N GLY A 184 4.14 0.46 6.88
CA GLY A 184 5.10 0.34 7.94
C GLY A 184 4.99 -1.01 8.62
N TYR A 185 6.06 -1.38 9.33
CA TYR A 185 6.19 -2.70 9.91
C TYR A 185 6.77 -2.64 11.28
N ASN A 186 6.31 -3.57 12.12
CA ASN A 186 7.07 -3.91 13.32
C ASN A 186 8.03 -5.03 12.96
N TRP A 187 9.29 -4.66 12.75
CA TRP A 187 10.33 -5.62 12.40
C TRP A 187 10.75 -6.47 13.58
N GLY A 188 10.32 -6.13 14.79
CA GLY A 188 10.84 -6.85 15.95
C GLY A 188 12.35 -6.78 15.96
N THR A 189 12.98 -7.81 16.55
CA THR A 189 14.47 -7.81 16.58
C THR A 189 15.05 -8.59 15.42
N THR A 190 14.29 -8.76 14.35
CA THR A 190 14.71 -9.67 13.26
C THR A 190 15.83 -9.23 12.35
N GLN A 191 16.12 -7.93 12.32
CA GLN A 191 17.07 -7.44 11.31
C GLN A 191 18.40 -7.14 11.97
N SER A 192 19.47 -7.66 11.38
CA SER A 192 20.80 -7.57 11.98
C SER A 192 21.34 -6.13 12.04
N TRP A 193 20.76 -5.21 11.25
CA TRP A 193 21.06 -3.78 11.40
C TRP A 193 20.77 -3.23 12.80
N GLY A 194 19.83 -3.87 13.50
CA GLY A 194 19.46 -3.43 14.85
C GLY A 194 18.01 -2.98 14.91
N SER A 195 17.13 -3.68 14.21
CA SER A 195 15.70 -3.39 14.33
C SER A 195 15.23 -3.70 15.75
N GLN A 196 14.21 -2.96 16.19
CA GLN A 196 13.61 -3.20 17.49
CA GLN A 196 13.62 -3.17 17.49
C GLN A 196 12.11 -3.41 17.37
N TRP A 197 11.54 -4.03 18.40
CA TRP A 197 10.10 -4.14 18.55
C TRP A 197 9.48 -2.75 18.67
N GLN A 198 8.45 -2.51 17.88
CA GLN A 198 7.71 -1.26 17.93
C GLN A 198 6.23 -1.56 17.92
N SER A 199 5.43 -0.89 18.75
CA SER A 199 3.99 -0.99 18.67
C SER A 199 3.47 -0.30 17.39
N PHE A 200 2.22 -0.60 17.02
CA PHE A 200 1.61 0.07 15.87
C PHE A 200 1.75 1.57 15.99
N ASP A 201 1.50 2.13 17.17
CA ASP A 201 1.55 3.55 17.36
CA ASP A 201 1.63 3.59 17.41
C ASP A 201 3.01 4.08 17.16
N GLN A 202 4.00 3.36 17.70
CA GLN A 202 5.35 3.79 17.51
C GLN A 202 5.77 3.78 16.02
N VAL A 203 5.22 2.82 15.29
CA VAL A 203 5.50 2.77 13.84
C VAL A 203 4.84 3.94 13.09
N PHE A 204 3.54 4.12 13.32
CA PHE A 204 2.73 4.93 12.41
C PHE A 204 2.41 6.34 12.87
N SER A 205 2.66 6.73 14.11
CA SER A 205 2.10 8.00 14.56
CA SER A 205 2.10 8.01 14.56
CA SER A 205 2.08 7.99 14.52
C SER A 205 2.65 9.22 13.82
N ARG A 206 3.94 9.23 13.55
CA ARG A 206 4.54 10.41 12.90
C ARG A 206 4.01 10.63 11.49
N ALA A 207 3.95 9.55 10.71
CA ALA A 207 3.42 9.67 9.36
C ALA A 207 1.95 10.05 9.40
N TYR A 208 1.20 9.53 10.36
CA TYR A 208 -0.23 9.86 10.43
C TYR A 208 -0.38 11.33 10.76
N GLN A 209 0.42 11.86 11.67
CA GLN A 209 0.30 13.27 12.04
C GLN A 209 0.49 14.13 10.78
N ALA A 210 1.41 13.76 9.91
CA ALA A 210 1.68 14.57 8.70
C ALA A 210 0.49 14.44 7.73
N LEU A 211 0.04 13.21 7.48
CA LEU A 211 -1.10 12.99 6.55
C LEU A 211 -2.43 13.45 7.05
N ALA A 212 -2.58 13.54 8.35
CA ALA A 212 -3.84 13.95 8.97
C ALA A 212 -4.11 15.44 8.64
N SER A 213 -3.08 16.17 8.20
CA SER A 213 -3.14 17.58 7.80
CA SER A 213 -3.33 17.57 7.85
C SER A 213 -3.70 17.74 6.38
N ILE A 214 -3.93 16.61 5.70
CA ILE A 214 -4.44 16.62 4.33
C ILE A 214 -5.89 16.13 4.39
N ASN A 215 -6.81 16.84 3.72
CA ASN A 215 -8.22 16.46 3.69
C ASN A 215 -8.51 15.33 2.72
N LYS A 216 -7.85 14.20 2.95
CA LYS A 216 -8.16 12.96 2.19
C LYS A 216 -8.17 11.77 3.18
N PRO A 217 -8.94 10.73 2.84
CA PRO A 217 -8.93 9.52 3.67
C PRO A 217 -7.64 8.73 3.48
N ILE A 218 -7.28 7.95 4.50
CA ILE A 218 -5.97 7.25 4.54
C ILE A 218 -6.17 5.75 4.52
N ILE A 219 -5.30 5.09 3.76
CA ILE A 219 -5.24 3.64 3.72
C ILE A 219 -3.91 3.21 4.37
N ILE A 220 -3.93 2.19 5.25
CA ILE A 220 -2.66 1.53 5.62
C ILE A 220 -2.46 0.46 4.56
N ALA A 221 -1.58 0.70 3.59
CA ALA A 221 -1.54 -0.10 2.37
C ALA A 221 -0.71 -1.35 2.53
N GLU A 222 0.27 -1.30 3.42
CA GLU A 222 1.16 -2.42 3.69
C GLU A 222 1.57 -2.35 5.13
N PHE A 223 1.20 -3.35 5.92
CA PHE A 223 1.69 -3.39 7.31
C PHE A 223 1.65 -4.82 7.78
N ALA A 224 2.48 -5.11 8.77
CA ALA A 224 2.52 -6.43 9.42
C ALA A 224 3.45 -6.31 10.62
N SER A 225 3.55 -7.41 11.35
CA SER A 225 4.44 -7.51 12.51
C SER A 225 5.19 -8.84 12.42
N ALA A 226 6.43 -8.76 12.86
CA ALA A 226 7.24 -9.95 13.13
C ALA A 226 6.75 -10.65 14.40
N GLU A 227 7.24 -11.90 14.57
CA GLU A 227 7.01 -12.65 15.80
C GLU A 227 8.09 -12.42 16.83
N ILE A 228 9.26 -11.93 16.45
CA ILE A 228 10.43 -12.03 17.33
C ILE A 228 10.70 -10.70 18.04
N GLY A 229 10.78 -10.75 19.38
CA GLY A 229 11.05 -9.56 20.16
C GLY A 229 9.87 -9.06 20.98
N GLY A 230 8.76 -9.79 20.94
CA GLY A 230 7.53 -9.35 21.59
C GLY A 230 6.44 -10.34 21.27
N ASN A 231 5.21 -9.97 21.61
CA ASN A 231 4.04 -10.81 21.43
C ASN A 231 3.22 -10.33 20.20
N LYS A 232 3.36 -11.05 19.10
CA LYS A 232 2.67 -10.64 17.86
C LYS A 232 1.15 -10.68 17.97
N ALA A 233 0.62 -11.67 18.66
CA ALA A 233 -0.82 -11.74 18.85
C ALA A 233 -1.34 -10.47 19.50
N ARG A 234 -0.71 -10.08 20.61
CA ARG A 234 -1.19 -8.89 21.30
C ARG A 234 -0.96 -7.66 20.43
N TRP A 235 0.14 -7.65 19.66
CA TRP A 235 0.44 -6.50 18.78
C TRP A 235 -0.72 -6.32 17.80
N ILE A 236 -1.22 -7.43 17.24
CA ILE A 236 -2.33 -7.40 16.30
C ILE A 236 -3.58 -6.86 16.95
N THR A 237 -3.93 -7.42 18.11
CA THR A 237 -5.10 -6.92 18.79
C THR A 237 -5.00 -5.42 19.05
N GLU A 238 -3.83 -5.01 19.52
CA GLU A 238 -3.67 -3.60 19.88
C GLU A 238 -3.59 -2.71 18.67
N ALA A 239 -3.06 -3.22 17.54
CA ALA A 239 -2.97 -2.42 16.31
C ALA A 239 -4.34 -2.10 15.78
N TYR A 240 -5.20 -3.10 15.65
CA TYR A 240 -6.55 -2.80 15.16
C TYR A 240 -7.32 -1.91 16.15
N ASN A 241 -7.15 -2.13 17.43
CA ASN A 241 -7.77 -1.19 18.39
C ASN A 241 -7.27 0.24 18.16
N SER A 242 -5.95 0.38 18.01
CA SER A 242 -5.39 1.69 17.78
C SER A 242 -5.95 2.34 16.51
N ILE A 243 -6.05 1.56 15.43
CA ILE A 243 -6.56 2.11 14.18
C ILE A 243 -7.96 2.69 14.37
N ARG A 244 -8.80 1.92 15.05
CA ARG A 244 -10.21 2.28 15.20
CA ARG A 244 -10.20 2.30 15.17
C ARG A 244 -10.36 3.42 16.20
N THR A 245 -9.47 3.50 17.18
CA THR A 245 -9.62 4.43 18.29
CA THR A 245 -9.59 4.41 18.30
C THR A 245 -8.96 5.76 18.02
N SER A 246 -7.74 5.77 17.46
CA SER A 246 -6.99 7.03 17.33
CA SER A 246 -7.06 7.08 17.30
C SER A 246 -6.53 7.38 15.91
N TYR A 247 -6.71 6.48 14.96
CA TYR A 247 -6.31 6.79 13.59
C TYR A 247 -7.58 6.94 12.75
N ASN A 248 -8.42 7.90 13.11
CA ASN A 248 -9.79 7.93 12.63
C ASN A 248 -9.92 8.24 11.15
N LYS A 249 -8.90 8.84 10.56
CA LYS A 249 -8.96 9.08 9.13
C LYS A 249 -8.63 7.83 8.31
N VAL A 250 -8.11 6.79 8.95
CA VAL A 250 -7.82 5.54 8.22
C VAL A 250 -9.14 4.80 7.93
N ILE A 251 -9.31 4.43 6.66
CA ILE A 251 -10.51 3.75 6.21
C ILE A 251 -10.28 2.32 5.77
N ALA A 252 -9.01 1.92 5.69
CA ALA A 252 -8.67 0.54 5.28
C ALA A 252 -7.38 0.12 5.89
N ALA A 253 -7.29 -1.17 6.25
CA ALA A 253 -6.06 -1.73 6.75
C ALA A 253 -5.74 -2.93 5.88
N VAL A 254 -4.59 -2.87 5.19
CA VAL A 254 -4.26 -3.90 4.20
C VAL A 254 -2.96 -4.61 4.65
N TRP A 255 -3.13 -5.79 5.24
CA TRP A 255 -2.01 -6.56 5.75
C TRP A 255 -1.13 -7.00 4.59
N PHE A 256 0.15 -7.15 4.93
CA PHE A 256 1.12 -7.72 3.99
C PHE A 256 1.41 -9.16 4.42
N HIS A 257 0.73 -10.14 3.80
CA HIS A 257 0.78 -11.53 4.24
C HIS A 257 1.80 -12.27 3.37
N GLU A 258 3.04 -12.33 3.80
CA GLU A 258 4.03 -13.11 3.06
C GLU A 258 5.15 -13.47 3.99
N ASN A 259 5.69 -14.69 3.89
CA ASN A 259 6.85 -15.07 4.64
C ASN A 259 8.03 -14.62 3.78
N LYS A 260 8.61 -13.48 4.14
CA LYS A 260 9.54 -12.76 3.27
C LYS A 260 10.74 -12.28 4.09
N GLU A 261 10.89 -10.98 4.34
CA GLU A 261 12.02 -10.48 5.15
C GLU A 261 11.97 -11.13 6.53
N THR A 262 10.77 -11.33 7.03
CA THR A 262 10.52 -12.15 8.22
C THR A 262 9.12 -12.75 8.00
N ASP A 263 8.62 -13.52 8.95
CA ASP A 263 7.33 -14.13 8.76
C ASP A 263 6.20 -13.16 9.10
N TRP A 264 5.81 -12.35 8.10
CA TRP A 264 4.80 -11.34 8.31
C TRP A 264 3.40 -11.93 8.36
N ARG A 265 3.25 -13.19 7.93
CA ARG A 265 1.95 -13.80 7.73
C ARG A 265 1.04 -13.72 8.96
N ILE A 266 -0.26 -13.67 8.71
CA ILE A 266 -1.23 -13.70 9.80
C ILE A 266 -1.20 -15.03 10.56
N ASN A 267 -0.73 -16.08 9.89
CA ASN A 267 -0.58 -17.41 10.48
C ASN A 267 0.87 -17.79 10.69
N SER A 268 1.72 -16.81 10.99
CA SER A 268 3.10 -17.11 11.39
C SER A 268 3.12 -17.93 12.69
N SER A 269 2.05 -17.82 13.51
CA SER A 269 1.86 -18.69 14.68
C SER A 269 0.39 -18.89 14.83
N PRO A 270 -0.05 -19.95 15.54
CA PRO A 270 -1.49 -20.10 15.81
C PRO A 270 -2.10 -18.95 16.63
N GLU A 271 -1.31 -18.42 17.56
CA GLU A 271 -1.83 -17.31 18.35
C GLU A 271 -1.98 -16.04 17.56
N ALA A 272 -1.04 -15.76 16.66
CA ALA A 272 -1.18 -14.56 15.82
C ALA A 272 -2.44 -14.69 14.97
N LEU A 273 -2.69 -15.90 14.44
CA LEU A 273 -3.85 -16.11 13.57
C LEU A 273 -5.15 -15.89 14.35
N ALA A 274 -5.19 -16.46 15.57
CA ALA A 274 -6.40 -16.31 16.38
C ALA A 274 -6.63 -14.82 16.65
N ALA A 275 -5.55 -14.10 16.97
CA ALA A 275 -5.72 -12.69 17.25
C ALA A 275 -6.20 -11.91 16.03
N TYR A 276 -5.63 -12.23 14.87
CA TYR A 276 -5.99 -11.55 13.65
CA TYR A 276 -6.01 -11.50 13.66
C TYR A 276 -7.47 -11.78 13.32
N ARG A 277 -7.87 -13.06 13.39
CA ARG A 277 -9.28 -13.41 13.12
C ARG A 277 -10.23 -12.57 13.99
N GLU A 278 -9.89 -12.42 15.25
CA GLU A 278 -10.73 -11.66 16.18
CA GLU A 278 -10.77 -11.64 16.13
C GLU A 278 -10.67 -10.15 15.88
N ALA A 279 -9.47 -9.65 15.63
CA ALA A 279 -9.23 -8.22 15.51
C ALA A 279 -9.92 -7.61 14.33
N ILE A 280 -9.95 -8.31 13.18
CA ILE A 280 -10.53 -7.74 11.99
C ILE A 280 -12.02 -7.52 12.06
N GLY A 281 -12.68 -8.28 12.94
CA GLY A 281 -14.11 -8.04 13.24
C GLY A 281 -15.05 -8.56 12.18
N ALA A 282 -16.34 -8.25 12.37
CA ALA A 282 -17.45 -8.69 11.53
C ALA A 282 -17.46 -8.03 10.15
#